data_5LHN
#
_entry.id   5LHN
#
_cell.length_a   94.670
_cell.length_b   94.670
_cell.length_c   121.570
_cell.angle_alpha   90.00
_cell.angle_beta   90.00
_cell.angle_gamma   120.00
#
_symmetry.space_group_name_H-M   'P 31 2 1'
#
loop_
_entity.id
_entity.type
_entity.pdbx_description
1 polymer 'Urokinase-type plasminogen activator'
2 polymer 'Camelid-Derived Antibody Fragment Nb7'
3 non-polymer 'SULFATE ION'
4 non-polymer 1,2-ETHANEDIOL
5 water water
#
loop_
_entity_poly.entity_id
_entity_poly.type
_entity_poly.pdbx_seq_one_letter_code
_entity_poly.pdbx_strand_id
1 'polypeptide(L)'
;IVGGEFTEVENQPWFAAIYQKNKGGSPPSFKCGGSLISPCWVASAAHCFIQLPKKENYVVYLGQSKESSYNPGEMKFEVE
QLILHEYYREDSLAYHNDIALLKIRTSTGQCAQPSRSIQTIALPPRFTDAPFGSDCEITGFGKESESDYLYPKNLKMSVV
KLVSHEQCMQPHYYGSEINYKMLCAADPEWKTDSCKGDSGGPLICNIEGRPTLSGIVSWGRGCAEKNKPGVYTRVSHFLD
WIQSHIG
;
A
2 'polypeptide(L)'
;QVQLQESGGGLVQPGGSLRLSCAASGFTLGYYAIGWFRRAPGKEREGVSCISSSGGSTNYADSVKGRFTISRDNAKNTVD
LQMNSLKPEDTAIYYCAAEWVPPGYGATVQALCNNAGYGMEYWGKGTQVTVSSAAAYPYDVPDYGSHHHHHH
;
B
#
# COMPACT_ATOMS: atom_id res chain seq x y z
N ILE A 1 -3.74 3.56 -16.49
CA ILE A 1 -2.40 3.89 -16.96
C ILE A 1 -2.05 3.12 -18.24
N VAL A 2 -2.29 3.75 -19.38
CA VAL A 2 -1.99 3.13 -20.68
C VAL A 2 -0.59 3.55 -21.14
N GLY A 3 0.22 2.57 -21.50
CA GLY A 3 1.59 2.83 -21.94
C GLY A 3 2.50 3.26 -20.82
N GLY A 4 3.78 3.46 -21.13
CA GLY A 4 4.74 3.93 -20.15
C GLY A 4 5.65 2.84 -19.63
N GLU A 5 6.29 3.12 -18.50
CA GLU A 5 7.24 2.20 -17.91
C GLU A 5 6.87 1.86 -16.47
N PHE A 6 7.49 0.80 -15.95
CA PHE A 6 7.30 0.43 -14.56
C PHE A 6 8.26 1.21 -13.67
N THR A 7 7.78 1.68 -12.53
CA THR A 7 8.60 2.49 -11.64
C THR A 7 9.55 1.64 -10.80
N GLU A 8 10.49 2.29 -10.13
CA GLU A 8 11.39 1.62 -9.20
C GLU A 8 11.37 2.31 -7.84
N VAL A 9 12.26 1.90 -6.96
CA VAL A 9 12.21 2.31 -5.55
C VAL A 9 12.32 3.83 -5.34
N GLU A 10 12.77 4.55 -6.37
CA GLU A 10 12.88 6.00 -6.26
C GLU A 10 12.04 6.74 -7.29
N ASN A 11 11.07 6.06 -7.89
CA ASN A 11 10.12 6.71 -8.80
C ASN A 11 8.76 6.85 -8.16
N GLN A 12 8.27 8.08 -8.06
CA GLN A 12 6.96 8.34 -7.47
C GLN A 12 6.85 7.78 -6.05
N PRO A 13 7.77 8.17 -5.16
CA PRO A 13 7.79 7.63 -3.79
C PRO A 13 6.65 8.19 -2.93
N TRP A 14 5.83 9.05 -3.52
CA TRP A 14 4.70 9.64 -2.84
C TRP A 14 3.43 8.87 -3.12
N PHE A 15 3.51 7.91 -4.05
CA PHE A 15 2.32 7.18 -4.47
C PHE A 15 1.78 6.31 -3.35
N ALA A 16 0.45 6.30 -3.22
CA ALA A 16 -0.21 5.51 -2.21
C ALA A 16 -1.26 4.61 -2.83
N ALA A 17 -1.18 3.31 -2.53
CA ALA A 17 -2.18 2.37 -2.99
C ALA A 17 -3.27 2.24 -1.94
N ILE A 18 -4.50 2.57 -2.31
CA ILE A 18 -5.61 2.58 -1.36
C ILE A 18 -6.53 1.39 -1.58
N TYR A 19 -6.59 0.52 -0.57
CA TYR A 19 -7.37 -0.71 -0.67
C TYR A 19 -8.66 -0.67 0.15
N GLN A 20 -9.66 -1.39 -0.31
CA GLN A 20 -10.90 -1.58 0.45
C GLN A 20 -10.90 -2.96 1.09
N LYS A 21 -11.35 -3.02 2.33
CA LYS A 21 -11.30 -4.27 3.10
C LYS A 21 -12.47 -5.18 2.77
N ASN A 22 -12.22 -6.49 2.83
CA ASN A 22 -13.27 -7.48 2.62
C ASN A 22 -13.59 -8.20 3.92
N LYS A 23 -14.83 -8.67 4.03
CA LYS A 23 -15.29 -9.41 5.21
C LYS A 23 -14.41 -10.63 5.51
N GLY A 24 -14.08 -10.83 6.78
CA GLY A 24 -13.25 -11.95 7.18
C GLY A 24 -11.79 -11.78 6.79
N GLY A 25 -11.07 -12.90 6.76
CA GLY A 25 -9.66 -12.90 6.41
C GLY A 25 -9.38 -12.94 4.92
N SER A 26 -10.33 -12.41 4.14
CA SER A 26 -10.12 -12.29 2.71
C SER A 26 -9.22 -11.10 2.43
N PRO A 27 -8.23 -11.27 1.54
CA PRO A 27 -7.35 -10.15 1.16
C PRO A 27 -8.16 -8.98 0.63
N PRO A 28 -7.67 -7.75 0.86
CA PRO A 28 -8.38 -6.53 0.46
C PRO A 28 -8.37 -6.33 -1.05
N SER A 29 -9.25 -5.45 -1.54
CA SER A 29 -9.34 -5.16 -2.96
C SER A 29 -8.80 -3.77 -3.25
N PHE A 30 -8.00 -3.65 -4.30
CA PHE A 30 -7.49 -2.35 -4.71
C PHE A 30 -8.64 -1.44 -5.09
N LYS A 31 -8.60 -0.20 -4.63
CA LYS A 31 -9.70 0.73 -4.88
C LYS A 31 -9.23 1.98 -5.63
N CYS A 32 -8.13 2.59 -5.18
CA CYS A 32 -7.68 3.84 -5.79
C CYS A 32 -6.21 4.15 -5.54
N GLY A 33 -5.70 5.13 -6.28
CA GLY A 33 -4.39 5.67 -6.04
C GLY A 33 -4.50 6.90 -5.15
N GLY A 34 -3.35 7.42 -4.71
CA GLY A 34 -3.34 8.59 -3.84
C GLY A 34 -1.94 9.15 -3.70
N SER A 35 -1.81 10.30 -3.06
CA SER A 35 -0.51 10.94 -2.91
C SER A 35 -0.26 11.39 -1.48
N LEU A 36 0.94 11.08 -0.98
CA LEU A 36 1.37 11.50 0.35
C LEU A 36 1.84 12.94 0.31
N ILE A 37 1.01 13.86 0.82
CA ILE A 37 1.34 15.29 0.80
C ILE A 37 1.95 15.72 2.13
N SER A 38 1.67 14.95 3.18
CA SER A 38 2.27 15.16 4.48
C SER A 38 2.52 13.78 5.09
N PRO A 39 3.45 13.69 6.05
CA PRO A 39 3.74 12.39 6.69
C PRO A 39 2.49 11.70 7.22
N CYS A 40 1.44 12.46 7.51
CA CYS A 40 0.22 11.89 8.06
C CYS A 40 -0.98 12.01 7.13
N TRP A 41 -0.79 12.61 5.96
CA TRP A 41 -1.92 12.89 5.08
C TRP A 41 -1.75 12.43 3.64
N VAL A 42 -2.75 11.71 3.14
CA VAL A 42 -2.79 11.29 1.75
C VAL A 42 -3.95 11.98 1.02
N ALA A 43 -3.67 12.52 -0.15
CA ALA A 43 -4.70 13.14 -0.96
C ALA A 43 -5.17 12.22 -2.07
N SER A 44 -6.49 12.09 -2.21
CA SER A 44 -7.06 11.22 -3.23
C SER A 44 -8.34 11.83 -3.79
N ALA A 45 -9.11 11.02 -4.50
CA ALA A 45 -10.36 11.50 -5.09
C ALA A 45 -11.57 11.06 -4.29
N ALA A 46 -12.51 11.99 -4.11
CA ALA A 46 -13.71 11.75 -3.31
C ALA A 46 -14.59 10.66 -3.88
N HIS A 47 -14.62 10.53 -5.19
CA HIS A 47 -15.50 9.57 -5.85
C HIS A 47 -15.05 8.15 -5.57
N CYS A 48 -13.86 8.01 -4.98
CA CYS A 48 -13.34 6.69 -4.62
C CYS A 48 -13.95 6.18 -3.33
N PHE A 49 -14.56 7.09 -2.56
CA PHE A 49 -15.04 6.77 -1.21
C PHE A 49 -16.52 7.02 -0.96
N ILE A 50 -17.22 7.58 -1.96
CA ILE A 50 -18.60 8.03 -1.77
C ILE A 50 -19.57 6.88 -1.44
N GLN A 51 -19.26 5.68 -1.92
CA GLN A 51 -20.10 4.50 -1.64
C GLN A 51 -19.97 4.05 -0.19
N LEU A 52 -18.73 4.00 0.30
CA LEU A 52 -18.44 3.61 1.68
C LEU A 52 -17.52 4.63 2.34
N PRO A 53 -18.07 5.79 2.74
CA PRO A 53 -17.25 6.90 3.26
C PRO A 53 -16.77 6.74 4.71
N LYS A 54 -16.94 5.56 5.31
CA LYS A 54 -16.43 5.34 6.65
C LYS A 54 -15.02 4.76 6.63
N LYS A 55 -14.14 5.37 7.41
CA LYS A 55 -12.70 5.11 7.33
C LYS A 55 -12.28 3.66 7.60
N GLU A 56 -13.09 2.94 8.38
CA GLU A 56 -12.74 1.58 8.76
C GLU A 56 -12.64 0.63 7.57
N ASN A 57 -13.20 1.05 6.43
CA ASN A 57 -13.26 0.19 5.25
C ASN A 57 -11.97 0.14 4.43
N TYR A 58 -10.99 0.95 4.81
CA TYR A 58 -9.81 1.13 3.95
C TYR A 58 -8.48 0.92 4.67
N VAL A 59 -7.46 0.64 3.86
CA VAL A 59 -6.08 0.52 4.33
C VAL A 59 -5.14 1.04 3.26
N VAL A 60 -4.12 1.79 3.66
CA VAL A 60 -3.22 2.41 2.71
C VAL A 60 -1.83 1.78 2.74
N TYR A 61 -1.26 1.56 1.56
CA TYR A 61 0.09 1.02 1.46
C TYR A 61 1.00 2.02 0.77
N LEU A 62 2.24 2.13 1.25
CA LEU A 62 3.21 3.07 0.69
C LEU A 62 4.50 2.37 0.30
N GLY A 63 5.37 3.10 -0.39
CA GLY A 63 6.70 2.63 -0.73
C GLY A 63 6.72 1.44 -1.68
N GLN A 64 5.72 1.36 -2.54
CA GLN A 64 5.62 0.27 -3.51
C GLN A 64 6.72 0.36 -4.57
N SER A 65 7.41 -0.76 -4.79
CA SER A 65 8.50 -0.85 -5.76
C SER A 65 9.01 -2.28 -5.85
N LYS A 66 9.50 -2.66 -7.02
CA LYS A 66 9.99 -4.02 -7.26
C LYS A 66 11.29 -4.30 -6.54
N GLU A 67 11.93 -3.25 -6.02
CA GLU A 67 13.20 -3.36 -5.33
C GLU A 67 13.07 -2.99 -3.85
N SER A 68 11.85 -2.72 -3.42
CA SER A 68 11.59 -2.40 -2.02
C SER A 68 11.00 -3.62 -1.30
N SER A 69 11.57 -3.94 -0.14
CA SER A 69 11.09 -5.07 0.65
C SER A 69 9.91 -4.66 1.53
N TYR A 70 8.82 -5.40 1.43
CA TYR A 70 7.61 -5.07 2.19
C TYR A 70 7.83 -5.21 3.69
N ASN A 71 7.62 -4.11 4.41
CA ASN A 71 7.65 -4.10 5.86
C ASN A 71 6.34 -3.53 6.39
N PRO A 72 5.49 -4.40 6.95
CA PRO A 72 4.15 -3.99 7.41
C PRO A 72 4.20 -2.95 8.51
N GLY A 73 5.30 -2.90 9.25
CA GLY A 73 5.45 -1.95 10.33
C GLY A 73 5.55 -0.52 9.85
N GLU A 74 6.06 -0.32 8.63
CA GLU A 74 6.35 1.01 8.13
C GLU A 74 5.63 1.35 6.83
N MET A 75 5.03 0.34 6.18
CA MET A 75 4.43 0.54 4.87
C MET A 75 2.92 0.32 4.85
N LYS A 76 2.37 -0.25 5.93
CA LYS A 76 0.92 -0.42 6.02
C LYS A 76 0.33 0.60 6.98
N PHE A 77 -0.80 1.18 6.59
CA PHE A 77 -1.42 2.24 7.37
C PHE A 77 -2.94 2.07 7.50
N GLU A 78 -3.45 2.25 8.71
CA GLU A 78 -4.88 2.38 8.93
C GLU A 78 -5.29 3.83 8.73
N VAL A 79 -6.56 4.04 8.39
CA VAL A 79 -7.08 5.40 8.18
C VAL A 79 -7.80 5.90 9.44
N GLU A 80 -7.22 6.91 10.10
CA GLU A 80 -7.84 7.44 11.30
C GLU A 80 -8.73 8.64 11.00
N GLN A 81 -8.65 9.14 9.77
CA GLN A 81 -9.55 10.20 9.32
C GLN A 81 -9.81 10.13 7.81
N LEU A 82 -11.09 10.13 7.44
CA LEU A 82 -11.50 10.16 6.04
C LEU A 82 -12.36 11.39 5.76
N ILE A 83 -11.80 12.32 5.01
CA ILE A 83 -12.49 13.59 4.73
C ILE A 83 -12.77 13.77 3.24
N LEU A 84 -14.05 13.74 2.88
CA LEU A 84 -14.48 14.02 1.52
C LEU A 84 -14.91 15.47 1.42
N HIS A 85 -14.68 16.09 0.26
CA HIS A 85 -15.08 17.47 0.07
C HIS A 85 -16.59 17.59 0.21
N GLU A 86 -17.04 18.56 1.00
CA GLU A 86 -18.44 18.69 1.37
C GLU A 86 -19.35 19.03 0.19
N TYR A 87 -18.76 19.52 -0.89
CA TYR A 87 -19.55 19.89 -2.07
C TYR A 87 -19.22 18.99 -3.25
N TYR A 88 -18.81 17.77 -2.95
CA TYR A 88 -18.65 16.75 -3.98
C TYR A 88 -20.01 16.41 -4.59
N ARG A 89 -20.11 16.52 -5.91
CA ARG A 89 -21.31 16.14 -6.62
C ARG A 89 -20.99 15.33 -7.86
N GLU A 90 -21.88 14.41 -8.22
CA GLU A 90 -21.74 13.66 -9.44
C GLU A 90 -22.62 14.26 -10.54
N ASP A 91 -21.98 14.72 -11.61
CA ASP A 91 -22.70 15.26 -12.75
C ASP A 91 -22.87 14.18 -13.80
N SER A 92 -23.39 14.57 -14.97
CA SER A 92 -23.64 13.63 -16.06
C SER A 92 -22.40 12.81 -16.41
N LEU A 93 -21.24 13.46 -16.42
CA LEU A 93 -20.01 12.78 -16.78
C LEU A 93 -18.84 13.18 -15.88
N ALA A 94 -18.87 14.42 -15.39
CA ALA A 94 -17.80 14.94 -14.57
C ALA A 94 -18.09 14.83 -13.08
N TYR A 95 -17.03 14.71 -12.29
CA TYR A 95 -17.14 14.86 -10.84
C TYR A 95 -16.79 16.29 -10.47
N HIS A 96 -17.51 16.84 -9.50
CA HIS A 96 -17.21 18.21 -9.05
C HIS A 96 -16.62 18.19 -7.64
N ASN A 97 -15.55 18.94 -7.44
CA ASN A 97 -14.85 18.96 -6.17
C ASN A 97 -14.44 17.55 -5.75
N ASP A 98 -13.89 16.81 -6.71
CA ASP A 98 -13.50 15.42 -6.50
C ASP A 98 -12.17 15.33 -5.78
N ILE A 99 -12.21 15.54 -4.46
CA ILE A 99 -11.00 15.49 -3.64
C ILE A 99 -11.31 14.96 -2.24
N ALA A 100 -10.36 14.22 -1.69
CA ALA A 100 -10.54 13.63 -0.36
C ALA A 100 -9.21 13.56 0.38
N LEU A 101 -9.28 13.60 1.71
CA LEU A 101 -8.07 13.52 2.53
C LEU A 101 -8.14 12.33 3.48
N LEU A 102 -7.05 11.56 3.52
CA LEU A 102 -6.96 10.43 4.45
C LEU A 102 -5.79 10.64 5.41
N LYS A 103 -6.09 10.68 6.70
CA LYS A 103 -5.05 10.76 7.72
C LYS A 103 -4.65 9.35 8.11
N ILE A 104 -3.36 9.04 8.01
CA ILE A 104 -2.88 7.68 8.16
C ILE A 104 -1.95 7.49 9.36
N ARG A 105 -1.85 6.24 9.81
CA ARG A 105 -0.95 5.89 10.90
C ARG A 105 -0.71 4.38 10.92
N THR A 106 0.51 3.99 11.27
CA THR A 106 0.89 2.59 11.35
C THR A 106 0.22 1.90 12.54
N SER A 107 0.50 0.62 12.72
CA SER A 107 -0.08 -0.16 13.81
C SER A 107 0.38 0.34 15.18
N THR A 108 1.56 0.97 15.20
CA THR A 108 2.10 1.53 16.43
C THR A 108 1.79 3.03 16.53
N GLY A 109 0.98 3.53 15.60
CA GLY A 109 0.48 4.89 15.69
C GLY A 109 1.36 5.96 15.07
N GLN A 110 2.40 5.54 14.36
CA GLN A 110 3.32 6.47 13.72
C GLN A 110 2.84 6.90 12.33
N CYS A 111 3.30 8.06 11.89
CA CYS A 111 3.03 8.52 10.52
C CYS A 111 4.11 7.98 9.59
N ALA A 112 4.08 8.42 8.34
CA ALA A 112 5.05 7.94 7.36
C ALA A 112 6.44 8.51 7.63
N GLN A 113 7.43 7.63 7.70
CA GLN A 113 8.82 8.02 7.87
C GLN A 113 9.53 7.97 6.53
N PRO A 114 10.05 9.13 6.07
CA PRO A 114 10.75 9.23 4.79
C PRO A 114 11.86 8.20 4.63
N SER A 115 11.99 7.68 3.42
CA SER A 115 13.02 6.69 3.09
C SER A 115 13.33 6.75 1.60
N ARG A 116 14.09 5.77 1.13
CA ARG A 116 14.40 5.66 -0.29
C ARG A 116 13.12 5.49 -1.10
N SER A 117 12.10 4.92 -0.47
CA SER A 117 10.87 4.52 -1.15
C SER A 117 9.66 5.33 -0.73
N ILE A 118 9.80 6.14 0.32
CA ILE A 118 8.67 6.93 0.81
C ILE A 118 9.03 8.40 1.03
N GLN A 119 8.48 9.26 0.18
CA GLN A 119 8.68 10.70 0.28
C GLN A 119 7.36 11.44 0.07
N THR A 120 7.26 12.63 0.64
CA THR A 120 6.09 13.47 0.43
C THR A 120 6.23 14.24 -0.89
N ILE A 121 5.11 14.72 -1.40
CA ILE A 121 5.12 15.55 -2.60
C ILE A 121 4.65 16.95 -2.25
N ALA A 122 5.25 17.96 -2.87
CA ALA A 122 4.95 19.34 -2.54
C ALA A 122 3.65 19.81 -3.18
N LEU A 123 2.92 20.65 -2.46
CA LEU A 123 1.71 21.26 -2.99
C LEU A 123 2.07 22.48 -3.82
N PRO A 124 1.19 22.85 -4.75
CA PRO A 124 1.45 24.03 -5.58
C PRO A 124 1.19 25.31 -4.80
N PRO A 125 1.78 26.44 -5.23
CA PRO A 125 1.40 27.74 -4.72
C PRO A 125 -0.05 28.02 -5.13
N ARG A 126 -0.77 28.90 -4.43
CA ARG A 126 -2.19 29.08 -4.69
C ARG A 126 -2.40 29.49 -6.14
N PHE A 127 -3.33 28.80 -6.81
CA PHE A 127 -3.76 29.19 -8.15
C PHE A 127 -2.60 29.19 -9.15
N THR A 128 -1.54 28.48 -8.83
CA THR A 128 -0.38 28.42 -9.71
C THR A 128 -0.26 27.05 -10.37
N ASP A 129 -0.16 27.05 -11.69
CA ASP A 129 0.01 25.81 -12.45
C ASP A 129 1.15 25.95 -13.45
N ALA A 130 1.69 24.82 -13.88
CA ALA A 130 2.67 24.83 -14.96
C ALA A 130 1.99 25.33 -16.22
N PRO A 131 2.77 25.89 -17.15
CA PRO A 131 2.16 26.37 -18.40
C PRO A 131 1.57 25.21 -19.19
N PHE A 132 0.57 25.49 -20.02
CA PHE A 132 -0.01 24.45 -20.87
C PHE A 132 1.03 23.99 -21.89
N GLY A 133 1.11 22.67 -22.08
CA GLY A 133 2.11 22.10 -22.95
C GLY A 133 3.25 21.50 -22.16
N SER A 134 3.23 21.71 -20.85
CA SER A 134 4.24 21.17 -19.97
C SER A 134 4.14 19.66 -19.90
N ASP A 135 5.26 19.01 -19.59
CA ASP A 135 5.28 17.57 -19.40
C ASP A 135 5.00 17.22 -17.94
N CYS A 136 3.88 16.56 -17.71
CA CYS A 136 3.56 16.05 -16.38
C CYS A 136 3.55 14.52 -16.43
N GLU A 137 3.74 13.88 -15.29
CA GLU A 137 3.75 12.43 -15.25
C GLU A 137 2.63 11.85 -14.36
N ILE A 138 2.02 10.79 -14.85
CA ILE A 138 0.96 10.09 -14.13
C ILE A 138 1.43 8.71 -13.70
N THR A 139 0.76 8.12 -12.72
CA THR A 139 1.20 6.85 -12.14
C THR A 139 0.03 6.04 -11.57
N GLY A 140 0.09 4.72 -11.72
CA GLY A 140 -0.95 3.88 -11.16
C GLY A 140 -0.92 2.39 -11.50
N PHE A 141 -1.85 1.66 -10.88
CA PHE A 141 -2.04 0.23 -11.16
C PHE A 141 -3.21 0.04 -12.12
N GLY A 142 -3.72 1.14 -12.67
CA GLY A 142 -4.89 1.10 -13.54
C GLY A 142 -4.68 0.35 -14.84
N LYS A 143 -5.75 0.19 -15.59
CA LYS A 143 -5.73 -0.55 -16.83
C LYS A 143 -4.48 -0.32 -17.65
N LYS A 153 -0.14 -5.14 -12.52
CA LYS A 153 0.58 -5.96 -11.55
C LYS A 153 1.61 -5.16 -10.78
N ASN A 154 2.28 -4.24 -11.47
CA ASN A 154 3.27 -3.37 -10.84
C ASN A 154 3.07 -1.91 -11.20
N LEU A 155 3.62 -1.03 -10.37
CA LEU A 155 3.44 0.41 -10.51
C LEU A 155 4.04 0.92 -11.82
N LYS A 156 3.24 1.65 -12.59
CA LYS A 156 3.69 2.25 -13.84
C LYS A 156 3.62 3.76 -13.79
N MET A 157 4.46 4.42 -14.57
CA MET A 157 4.40 5.86 -14.72
C MET A 157 4.48 6.23 -16.20
N SER A 158 3.86 7.35 -16.56
CA SER A 158 3.86 7.81 -17.94
C SER A 158 3.89 9.33 -17.99
N VAL A 159 4.04 9.88 -19.19
CA VAL A 159 4.10 11.33 -19.35
C VAL A 159 2.99 11.86 -20.24
N VAL A 160 2.24 12.82 -19.71
CA VAL A 160 1.20 13.51 -20.47
C VAL A 160 1.48 15.00 -20.50
N LYS A 161 0.77 15.72 -21.36
CA LYS A 161 0.94 17.17 -21.45
C LYS A 161 -0.32 17.90 -21.01
N LEU A 162 -0.14 18.99 -20.28
CA LEU A 162 -1.27 19.81 -19.87
C LEU A 162 -1.96 20.42 -21.09
N VAL A 163 -3.28 20.39 -21.08
CA VAL A 163 -4.07 20.95 -22.16
C VAL A 163 -4.86 22.15 -21.66
N SER A 164 -4.80 23.24 -22.41
CA SER A 164 -5.49 24.47 -22.03
C SER A 164 -7.00 24.24 -21.94
N HIS A 165 -7.65 25.05 -21.11
CA HIS A 165 -9.09 24.93 -20.92
C HIS A 165 -9.84 25.29 -22.21
N GLU A 166 -9.35 26.30 -22.92
CA GLU A 166 -9.94 26.70 -24.19
C GLU A 166 -10.01 25.54 -25.16
N GLN A 167 -8.91 24.81 -25.26
CA GLN A 167 -8.86 23.62 -26.12
C GLN A 167 -9.75 22.52 -25.56
N CYS A 168 -9.76 22.37 -24.24
CA CYS A 168 -10.51 21.31 -23.59
C CYS A 168 -12.01 21.55 -23.62
N MET A 169 -12.40 22.81 -23.63
CA MET A 169 -13.81 23.16 -23.56
C MET A 169 -14.44 23.26 -24.95
N GLN A 170 -13.65 22.96 -25.96
CA GLN A 170 -14.17 22.84 -27.32
C GLN A 170 -15.23 21.74 -27.34
N PRO A 171 -16.28 21.94 -28.15
CA PRO A 171 -17.39 20.99 -28.20
C PRO A 171 -16.95 19.56 -28.54
N HIS A 172 -16.02 19.39 -29.47
CA HIS A 172 -15.59 18.06 -29.86
C HIS A 172 -14.60 17.49 -28.84
N TYR A 173 -14.45 18.19 -27.72
CA TYR A 173 -13.69 17.70 -26.57
C TYR A 173 -14.62 17.36 -25.41
N TYR A 174 -14.86 18.33 -24.55
CA TYR A 174 -15.73 18.13 -23.39
C TYR A 174 -16.75 19.25 -23.22
N GLY A 175 -16.58 20.33 -23.97
CA GLY A 175 -17.49 21.46 -23.91
C GLY A 175 -17.59 22.10 -22.53
N SER A 176 -18.83 22.30 -22.08
CA SER A 176 -19.09 23.02 -20.83
C SER A 176 -19.06 22.11 -19.60
N GLU A 177 -18.68 20.85 -19.78
CA GLU A 177 -18.53 19.94 -18.64
C GLU A 177 -17.13 20.04 -18.04
N ILE A 178 -16.36 21.02 -18.51
CA ILE A 178 -15.07 21.33 -17.94
C ILE A 178 -15.11 22.71 -17.30
N ASN A 179 -14.80 22.78 -16.01
CA ASN A 179 -14.65 24.08 -15.36
C ASN A 179 -13.20 24.30 -14.94
N TYR A 180 -12.92 25.43 -14.31
CA TYR A 180 -11.54 25.84 -14.05
C TYR A 180 -10.99 25.31 -12.74
N LYS A 181 -11.81 24.54 -12.04
CA LYS A 181 -11.33 23.80 -10.89
C LYS A 181 -10.88 22.43 -11.36
N MET A 182 -10.79 22.29 -12.68
CA MET A 182 -10.30 21.06 -13.29
C MET A 182 -9.07 21.31 -14.16
N LEU A 183 -8.34 20.24 -14.46
CA LEU A 183 -7.15 20.31 -15.31
C LEU A 183 -7.16 19.17 -16.32
N CYS A 184 -6.98 19.52 -17.59
CA CYS A 184 -6.93 18.52 -18.65
C CYS A 184 -5.49 18.20 -19.03
N ALA A 185 -5.23 16.93 -19.33
CA ALA A 185 -3.89 16.48 -19.72
C ALA A 185 -3.99 15.28 -20.64
N ALA A 186 -3.14 15.23 -21.66
CA ALA A 186 -3.20 14.15 -22.62
C ALA A 186 -1.88 13.98 -23.38
N ASP A 187 -1.77 12.88 -24.08
CA ASP A 187 -0.66 12.65 -25.00
C ASP A 187 -1.01 13.25 -26.34
N PRO A 188 -0.12 14.11 -26.88
CA PRO A 188 -0.37 14.69 -28.21
C PRO A 188 -0.56 13.62 -29.27
N GLU A 189 0.00 12.44 -29.02
CA GLU A 189 -0.18 11.31 -29.92
C GLU A 189 -1.32 10.42 -29.47
N TRP A 190 -2.00 10.83 -28.40
CA TRP A 190 -3.17 10.13 -27.88
C TRP A 190 -2.89 8.65 -27.62
N LYS A 191 -1.67 8.34 -27.21
CA LYS A 191 -1.30 6.94 -27.00
C LYS A 191 -1.09 6.62 -25.53
N THR A 192 -0.84 7.65 -24.72
CA THR A 192 -0.71 7.47 -23.27
C THR A 192 -1.70 8.35 -22.53
N ASP A 193 -2.18 7.84 -21.40
CA ASP A 193 -3.24 8.49 -20.63
C ASP A 193 -3.53 7.68 -19.37
N SER A 194 -4.24 8.27 -18.41
CA SER A 194 -4.68 7.54 -17.24
C SER A 194 -5.99 6.84 -17.53
N CYS A 195 -6.27 5.76 -16.80
CA CYS A 195 -7.44 4.94 -17.10
C CYS A 195 -8.18 4.49 -15.84
N LYS A 196 -9.15 3.60 -16.02
CA LYS A 196 -9.89 3.04 -14.89
C LYS A 196 -8.93 2.37 -13.91
N GLY A 197 -8.97 2.79 -12.65
CA GLY A 197 -8.10 2.25 -11.64
C GLY A 197 -6.97 3.19 -11.26
N ASP A 198 -6.88 4.31 -11.98
CA ASP A 198 -5.89 5.34 -11.68
C ASP A 198 -6.51 6.43 -10.82
N SER A 199 -7.84 6.36 -10.68
CA SER A 199 -8.61 7.32 -9.89
C SER A 199 -7.94 7.66 -8.56
N GLY A 200 -7.84 8.95 -8.28
CA GLY A 200 -7.25 9.43 -7.04
C GLY A 200 -5.74 9.58 -7.11
N GLY A 201 -5.14 8.99 -8.14
CA GLY A 201 -3.69 9.04 -8.32
C GLY A 201 -3.19 10.43 -8.66
N PRO A 202 -1.86 10.64 -8.60
CA PRO A 202 -1.26 11.96 -8.77
C PRO A 202 -1.03 12.40 -10.21
N LEU A 203 -1.14 13.70 -10.46
CA LEU A 203 -0.64 14.31 -11.67
C LEU A 203 0.52 15.23 -11.28
N ILE A 204 1.73 14.86 -11.66
CA ILE A 204 2.91 15.58 -11.20
C ILE A 204 3.48 16.52 -12.25
N CYS A 205 3.41 17.82 -11.97
CA CYS A 205 3.97 18.83 -12.86
C CYS A 205 5.11 19.57 -12.17
N ASN A 206 6.01 20.15 -12.96
CA ASN A 206 7.07 20.98 -12.44
C ASN A 206 6.61 22.42 -12.30
N ILE A 207 6.81 23.00 -11.13
CA ILE A 207 6.54 24.41 -10.90
C ILE A 207 7.75 25.02 -10.19
N GLU A 208 8.49 25.85 -10.93
CA GLU A 208 9.78 26.38 -10.49
C GLU A 208 10.76 25.22 -10.30
N GLY A 209 10.77 24.30 -11.27
CA GLY A 209 11.65 23.16 -11.22
C GLY A 209 11.48 22.27 -10.01
N ARG A 210 10.32 22.38 -9.35
CA ARG A 210 10.01 21.51 -8.23
C ARG A 210 8.83 20.62 -8.57
N PRO A 211 8.99 19.29 -8.41
CA PRO A 211 7.89 18.36 -8.60
C PRO A 211 6.70 18.76 -7.74
N THR A 212 5.51 18.75 -8.31
CA THR A 212 4.33 19.30 -7.64
C THR A 212 3.06 18.53 -7.96
N LEU A 213 2.27 18.25 -6.92
CA LEU A 213 0.97 17.63 -7.13
C LEU A 213 0.02 18.68 -7.72
N SER A 214 -0.07 18.71 -9.04
CA SER A 214 -0.94 19.64 -9.73
C SER A 214 -2.35 19.07 -9.87
N GLY A 215 -2.44 17.76 -10.06
CA GLY A 215 -3.72 17.15 -10.32
C GLY A 215 -4.01 15.85 -9.59
N ILE A 216 -5.30 15.57 -9.43
CA ILE A 216 -5.77 14.29 -8.90
C ILE A 216 -6.67 13.64 -9.94
N VAL A 217 -6.32 12.44 -10.38
CA VAL A 217 -7.10 11.73 -11.40
C VAL A 217 -8.58 11.65 -11.00
N SER A 218 -9.44 12.15 -11.88
CA SER A 218 -10.86 12.27 -11.56
C SER A 218 -11.77 11.56 -12.56
N TRP A 219 -11.64 11.87 -13.84
CA TRP A 219 -12.50 11.23 -14.83
C TRP A 219 -12.01 11.40 -16.27
N GLY A 220 -12.83 10.92 -17.21
CA GLY A 220 -12.51 11.00 -18.62
C GLY A 220 -13.32 10.03 -19.46
N ARG A 221 -13.68 10.47 -20.67
CA ARG A 221 -14.39 9.62 -21.62
C ARG A 221 -13.40 8.71 -22.33
N GLY A 222 -13.38 7.44 -21.97
CA GLY A 222 -12.44 6.50 -22.52
C GLY A 222 -11.07 6.66 -21.91
N CYS A 223 -10.09 5.97 -22.47
CA CYS A 223 -8.71 6.06 -21.99
C CYS A 223 -7.76 6.24 -23.17
N ALA A 224 -7.07 7.37 -23.19
CA ALA A 224 -6.20 7.68 -24.29
C ALA A 224 -7.07 7.70 -25.50
N GLU A 225 -8.30 8.16 -25.39
CA GLU A 225 -9.15 8.25 -26.54
C GLU A 225 -8.90 9.58 -27.23
N LYS A 226 -8.86 9.60 -28.54
CA LYS A 226 -8.59 10.83 -29.25
C LYS A 226 -9.61 11.92 -29.04
N ASN A 227 -9.09 13.09 -28.69
CA ASN A 227 -9.89 14.27 -28.46
C ASN A 227 -10.56 14.29 -27.11
N LYS A 228 -10.23 13.32 -26.28
CA LYS A 228 -10.83 13.22 -24.98
C LYS A 228 -9.71 13.03 -24.00
N PRO A 229 -9.19 14.07 -23.38
CA PRO A 229 -8.09 13.76 -22.47
C PRO A 229 -8.50 13.48 -21.03
N GLY A 230 -7.56 13.05 -20.18
CA GLY A 230 -7.91 12.75 -18.80
C GLY A 230 -8.22 14.05 -18.07
N VAL A 231 -9.19 14.01 -17.18
CA VAL A 231 -9.56 15.21 -16.43
C VAL A 231 -9.12 15.06 -14.97
N TYR A 232 -8.60 16.14 -14.41
CA TYR A 232 -8.00 16.10 -13.08
C TYR A 232 -8.54 17.20 -12.18
N THR A 233 -8.60 16.92 -10.88
CA THR A 233 -8.90 17.96 -9.90
C THR A 233 -7.72 18.92 -9.82
N ARG A 234 -7.98 20.20 -10.07
CA ARG A 234 -6.94 21.21 -10.06
C ARG A 234 -6.55 21.58 -8.62
N VAL A 235 -5.52 20.93 -8.11
CA VAL A 235 -5.14 21.04 -6.71
C VAL A 235 -4.81 22.47 -6.28
N SER A 236 -4.31 23.29 -7.21
CA SER A 236 -3.93 24.66 -6.88
C SER A 236 -5.13 25.49 -6.43
N HIS A 237 -6.33 24.99 -6.68
CA HIS A 237 -7.55 25.70 -6.33
C HIS A 237 -8.25 25.09 -5.11
N PHE A 238 -7.53 24.25 -4.37
CA PHE A 238 -8.10 23.59 -3.18
C PHE A 238 -7.17 23.68 -1.98
N LEU A 239 -6.13 24.49 -2.10
CA LEU A 239 -5.15 24.66 -1.03
C LEU A 239 -5.78 25.10 0.28
N ASP A 240 -6.61 26.14 0.23
CA ASP A 240 -7.31 26.62 1.42
C ASP A 240 -8.12 25.51 2.08
N TRP A 241 -8.81 24.73 1.26
CA TRP A 241 -9.57 23.58 1.76
C TRP A 241 -8.63 22.56 2.39
N ILE A 242 -7.58 22.20 1.66
CA ILE A 242 -6.63 21.20 2.13
C ILE A 242 -5.98 21.56 3.46
N GLN A 243 -5.36 22.74 3.52
CA GLN A 243 -4.68 23.20 4.73
C GLN A 243 -5.65 23.54 5.85
N SER A 244 -6.94 23.54 5.55
CA SER A 244 -7.96 23.81 6.56
C SER A 244 -8.20 22.57 7.41
N HIS A 245 -7.85 21.42 6.84
CA HIS A 245 -7.96 20.13 7.52
C HIS A 245 -6.59 19.59 7.96
N ILE A 246 -5.52 20.01 7.28
CA ILE A 246 -4.18 19.44 7.49
C ILE A 246 -3.42 20.04 8.68
N GLY A 247 -3.28 21.36 8.71
CA GLY A 247 -2.48 22.02 9.72
C GLY A 247 -3.30 22.75 10.77
N GLN B 1 -14.25 -14.31 12.75
CA GLN B 1 -14.12 -15.72 13.11
C GLN B 1 -12.74 -16.24 12.72
N VAL B 2 -11.87 -15.33 12.30
CA VAL B 2 -10.51 -15.69 11.91
C VAL B 2 -9.67 -16.10 13.12
N GLN B 3 -9.06 -17.28 13.05
CA GLN B 3 -8.21 -17.76 14.13
C GLN B 3 -6.89 -18.34 13.62
N LEU B 4 -5.80 -18.01 14.30
CA LEU B 4 -4.52 -18.70 14.09
C LEU B 4 -4.21 -19.50 15.34
N GLN B 5 -3.71 -20.72 15.16
CA GLN B 5 -3.47 -21.60 16.30
C GLN B 5 -2.18 -22.38 16.18
N GLU B 6 -1.24 -22.10 17.08
CA GLU B 6 0.01 -22.85 17.12
C GLU B 6 -0.18 -24.15 17.90
N SER B 7 0.67 -25.12 17.62
CA SER B 7 0.69 -26.38 18.36
C SER B 7 2.06 -27.03 18.23
N GLY B 8 2.40 -27.90 19.18
CA GLY B 8 3.67 -28.60 19.14
C GLY B 8 4.61 -28.24 20.30
N GLY B 9 4.22 -27.24 21.08
CA GLY B 9 5.01 -26.81 22.21
C GLY B 9 5.25 -27.92 23.22
N GLY B 10 6.41 -27.89 23.88
CA GLY B 10 6.76 -28.91 24.84
C GLY B 10 8.13 -28.72 25.46
N LEU B 11 8.61 -29.76 26.13
CA LEU B 11 9.89 -29.73 26.83
C LEU B 11 10.87 -30.71 26.20
N VAL B 12 12.00 -30.20 25.70
CA VAL B 12 12.96 -31.05 25.01
C VAL B 12 14.38 -30.88 25.56
N GLN B 13 15.17 -31.94 25.48
CA GLN B 13 16.56 -31.93 25.91
C GLN B 13 17.40 -31.13 24.92
N PRO B 14 18.41 -30.42 25.42
CA PRO B 14 19.32 -29.68 24.53
C PRO B 14 19.92 -30.60 23.47
N GLY B 15 19.83 -30.19 22.21
CA GLY B 15 20.30 -31.02 21.11
C GLY B 15 19.17 -31.79 20.46
N GLY B 16 18.01 -31.80 21.13
CA GLY B 16 16.85 -32.49 20.62
C GLY B 16 16.14 -31.72 19.52
N SER B 17 15.09 -32.31 18.96
CA SER B 17 14.31 -31.66 17.91
C SER B 17 12.85 -31.53 18.31
N LEU B 18 12.16 -30.58 17.69
CA LEU B 18 10.75 -30.35 17.98
C LEU B 18 10.09 -29.67 16.78
N ARG B 19 8.88 -30.08 16.45
CA ARG B 19 8.18 -29.52 15.29
C ARG B 19 6.93 -28.75 15.72
N LEU B 20 6.82 -27.52 15.24
CA LEU B 20 5.64 -26.70 15.49
C LEU B 20 4.76 -26.64 14.25
N SER B 21 3.47 -26.43 14.44
CA SER B 21 2.53 -26.27 13.33
C SER B 21 1.58 -25.11 13.58
N CYS B 22 1.30 -24.34 12.53
CA CYS B 22 0.35 -23.25 12.61
C CYS B 22 -0.83 -23.54 11.71
N ALA B 23 -2.03 -23.54 12.29
CA ALA B 23 -3.24 -23.83 11.53
C ALA B 23 -4.18 -22.65 11.59
N ALA B 24 -4.86 -22.39 10.47
CA ALA B 24 -5.82 -21.32 10.42
C ALA B 24 -7.23 -21.87 10.28
N SER B 25 -8.20 -21.15 10.84
CA SER B 25 -9.61 -21.45 10.66
C SER B 25 -10.38 -20.16 10.45
N GLY B 26 -11.30 -20.16 9.49
CA GLY B 26 -12.06 -18.97 9.17
C GLY B 26 -11.54 -18.25 7.94
N PHE B 27 -10.35 -18.61 7.48
CA PHE B 27 -9.82 -18.02 6.24
C PHE B 27 -8.75 -18.89 5.58
N THR B 28 -8.40 -18.52 4.36
CA THR B 28 -7.42 -19.26 3.56
C THR B 28 -6.00 -18.77 3.81
N LEU B 29 -5.22 -19.57 4.54
CA LEU B 29 -3.90 -19.18 4.97
C LEU B 29 -2.94 -19.00 3.79
N GLY B 30 -3.23 -19.66 2.68
CA GLY B 30 -2.35 -19.69 1.53
C GLY B 30 -2.12 -18.34 0.85
N TYR B 31 -2.99 -17.38 1.10
CA TYR B 31 -2.84 -16.05 0.53
C TYR B 31 -1.86 -15.22 1.34
N TYR B 32 -1.44 -15.76 2.48
CA TYR B 32 -0.69 -14.99 3.45
C TYR B 32 0.75 -15.45 3.62
N ALA B 33 1.64 -14.48 3.77
CA ALA B 33 2.99 -14.74 4.26
C ALA B 33 2.88 -15.06 5.75
N ILE B 34 3.62 -16.06 6.20
CA ILE B 34 3.61 -16.42 7.62
C ILE B 34 4.98 -16.24 8.24
N GLY B 35 4.98 -15.75 9.48
CA GLY B 35 6.21 -15.60 10.23
C GLY B 35 6.13 -16.25 11.58
N TRP B 36 7.19 -16.96 11.97
CA TRP B 36 7.31 -17.46 13.32
C TRP B 36 8.13 -16.49 14.14
N PHE B 37 7.51 -15.90 15.15
CA PHE B 37 8.21 -15.00 16.06
C PHE B 37 8.26 -15.64 17.44
N ARG B 38 9.24 -15.24 18.24
CA ARG B 38 9.40 -15.79 19.58
C ARG B 38 9.77 -14.70 20.58
N ARG B 39 9.27 -14.86 21.81
CA ARG B 39 9.72 -14.00 22.91
C ARG B 39 10.32 -14.86 24.02
N ALA B 40 11.63 -14.72 24.21
CA ALA B 40 12.31 -15.38 25.31
C ALA B 40 12.13 -14.55 26.58
N PRO B 41 12.36 -15.18 27.75
CA PRO B 41 12.26 -14.47 29.02
C PRO B 41 13.18 -13.24 29.06
N GLY B 42 12.58 -12.06 29.25
CA GLY B 42 13.36 -10.85 29.38
C GLY B 42 13.54 -10.04 28.10
N LYS B 43 13.75 -10.73 26.99
CA LYS B 43 14.02 -10.07 25.71
C LYS B 43 12.72 -9.71 24.99
N GLU B 44 12.85 -9.03 23.85
CA GLU B 44 11.69 -8.67 23.04
C GLU B 44 11.48 -9.64 21.88
N ARG B 45 10.30 -9.54 21.28
CA ARG B 45 9.90 -10.39 20.16
C ARG B 45 10.87 -10.29 18.97
N GLU B 46 11.29 -11.44 18.47
CA GLU B 46 12.18 -11.50 17.31
C GLU B 46 11.67 -12.49 16.27
N GLY B 47 11.96 -12.20 15.00
CA GLY B 47 11.58 -13.10 13.93
C GLY B 47 12.52 -14.29 13.84
N VAL B 48 11.95 -15.49 13.95
CA VAL B 48 12.73 -16.71 13.84
C VAL B 48 12.86 -17.15 12.38
N SER B 49 11.72 -17.27 11.70
CA SER B 49 11.68 -17.72 10.32
C SER B 49 10.36 -17.35 9.65
N CYS B 50 10.44 -16.92 8.40
CA CYS B 50 9.26 -16.47 7.65
C CYS B 50 9.19 -17.12 6.28
N ILE B 51 7.98 -17.15 5.71
CA ILE B 51 7.78 -17.75 4.40
C ILE B 51 6.64 -17.06 3.65
N SER B 52 6.82 -16.89 2.34
CA SER B 52 5.82 -16.23 1.52
C SER B 52 4.60 -17.12 1.29
N SER B 53 3.54 -16.52 0.77
CA SER B 53 2.27 -17.21 0.60
C SER B 53 2.38 -18.46 -0.27
N SER B 54 3.15 -18.37 -1.34
CA SER B 54 3.33 -19.49 -2.25
C SER B 54 4.45 -20.43 -1.76
N GLY B 55 5.28 -19.92 -0.87
CA GLY B 55 6.36 -20.72 -0.30
C GLY B 55 7.67 -20.58 -1.04
N GLY B 56 7.68 -19.69 -2.02
CA GLY B 56 8.85 -19.52 -2.87
C GLY B 56 9.99 -18.79 -2.18
N SER B 57 9.66 -17.94 -1.22
CA SER B 57 10.66 -17.14 -0.52
C SER B 57 10.65 -17.41 0.99
N THR B 58 11.84 -17.54 1.57
CA THR B 58 11.97 -17.73 3.01
C THR B 58 13.06 -16.85 3.60
N ASN B 59 13.03 -16.67 4.91
CA ASN B 59 14.09 -15.97 5.61
C ASN B 59 14.29 -16.58 7.00
N TYR B 60 15.53 -16.62 7.45
CA TYR B 60 15.86 -17.15 8.77
C TYR B 60 16.71 -16.16 9.54
N ALA B 61 16.45 -16.04 10.84
CA ALA B 61 17.35 -15.31 11.72
C ALA B 61 18.66 -16.06 11.77
N ASP B 62 19.76 -15.33 11.94
CA ASP B 62 21.09 -15.93 11.95
C ASP B 62 21.22 -16.98 13.06
N SER B 63 20.51 -16.75 14.15
CA SER B 63 20.57 -17.63 15.31
C SER B 63 20.23 -19.08 14.98
N VAL B 64 19.35 -19.27 14.00
CA VAL B 64 18.77 -20.59 13.73
C VAL B 64 19.08 -21.14 12.34
N LYS B 65 19.91 -20.43 11.58
CA LYS B 65 20.24 -20.87 10.23
C LYS B 65 20.93 -22.23 10.27
N GLY B 66 20.39 -23.16 9.48
CA GLY B 66 20.92 -24.51 9.43
C GLY B 66 20.32 -25.43 10.48
N ARG B 67 19.54 -24.86 11.39
CA ARG B 67 18.93 -25.63 12.46
C ARG B 67 17.41 -25.71 12.31
N PHE B 68 16.81 -24.59 11.91
CA PHE B 68 15.36 -24.54 11.72
C PHE B 68 15.00 -24.66 10.25
N THR B 69 13.83 -25.23 9.97
CA THR B 69 13.31 -25.27 8.61
C THR B 69 11.81 -24.97 8.59
N ILE B 70 11.44 -23.89 7.89
CA ILE B 70 10.04 -23.53 7.75
C ILE B 70 9.49 -24.11 6.44
N SER B 71 8.21 -24.48 6.47
CA SER B 71 7.55 -25.05 5.30
C SER B 71 6.05 -24.81 5.41
N ARG B 72 5.31 -25.10 4.35
CA ARG B 72 3.87 -24.91 4.39
C ARG B 72 3.12 -25.82 3.42
N ASP B 73 1.84 -26.02 3.73
CA ASP B 73 0.93 -26.81 2.91
C ASP B 73 -0.34 -26.00 2.69
N ASN B 74 -0.47 -25.42 1.51
CA ASN B 74 -1.61 -24.55 1.22
C ASN B 74 -2.86 -25.35 0.87
N ALA B 75 -2.72 -26.66 0.81
CA ALA B 75 -3.85 -27.56 0.64
C ALA B 75 -4.48 -27.87 1.99
N LYS B 76 -3.62 -28.03 2.99
CA LYS B 76 -4.07 -28.36 4.34
C LYS B 76 -4.20 -27.12 5.22
N ASN B 77 -3.81 -25.97 4.68
CA ASN B 77 -3.98 -24.69 5.36
C ASN B 77 -3.06 -24.55 6.58
N THR B 78 -1.81 -24.98 6.44
CA THR B 78 -0.87 -24.97 7.56
C THR B 78 0.51 -24.42 7.20
N VAL B 79 1.27 -24.07 8.24
CA VAL B 79 2.68 -23.72 8.09
C VAL B 79 3.45 -24.36 9.23
N ASP B 80 4.55 -25.03 8.91
CA ASP B 80 5.31 -25.77 9.91
C ASP B 80 6.68 -25.15 10.18
N LEU B 81 7.15 -25.33 11.42
CA LEU B 81 8.52 -24.96 11.77
C LEU B 81 9.23 -26.16 12.37
N GLN B 82 10.21 -26.68 11.63
CA GLN B 82 11.02 -27.80 12.11
C GLN B 82 12.25 -27.29 12.85
N MET B 83 12.40 -27.72 14.10
CA MET B 83 13.53 -27.27 14.90
C MET B 83 14.46 -28.41 15.30
N ASN B 84 15.66 -28.39 14.75
CA ASN B 84 16.68 -29.37 15.10
C ASN B 84 17.80 -28.70 15.91
N SER B 85 18.61 -29.54 16.58
CA SER B 85 19.75 -29.04 17.33
C SER B 85 19.37 -27.93 18.29
N LEU B 86 18.32 -28.16 19.07
CA LEU B 86 17.80 -27.13 19.96
C LEU B 86 18.79 -26.78 21.06
N LYS B 87 18.87 -25.49 21.37
CA LYS B 87 19.74 -24.98 22.41
C LYS B 87 18.89 -24.31 23.47
N PRO B 88 19.42 -24.22 24.71
CA PRO B 88 18.74 -23.51 25.79
C PRO B 88 18.33 -22.10 25.39
N GLU B 89 19.13 -21.48 24.52
CA GLU B 89 18.86 -20.13 24.04
C GLU B 89 17.57 -20.04 23.24
N ASP B 90 17.03 -21.19 22.86
CA ASP B 90 15.82 -21.22 22.03
C ASP B 90 14.54 -21.21 22.87
N THR B 91 14.70 -21.33 24.19
CA THR B 91 13.55 -21.34 25.10
C THR B 91 12.74 -20.06 24.99
N ALA B 92 11.46 -20.19 24.66
CA ALA B 92 10.61 -19.02 24.49
C ALA B 92 9.16 -19.41 24.16
N ILE B 93 8.30 -18.41 24.15
CA ILE B 93 6.96 -18.58 23.60
C ILE B 93 7.04 -18.32 22.10
N TYR B 94 6.58 -19.26 21.30
CA TYR B 94 6.64 -19.11 19.86
C TYR B 94 5.27 -18.74 19.28
N TYR B 95 5.21 -17.63 18.56
CA TYR B 95 3.98 -17.18 17.93
C TYR B 95 3.95 -17.41 16.43
N CYS B 96 2.77 -17.71 15.90
CA CYS B 96 2.52 -17.70 14.46
C CYS B 96 1.75 -16.44 14.06
N ALA B 97 2.21 -15.79 12.99
CA ALA B 97 1.59 -14.55 12.55
C ALA B 97 1.45 -14.54 11.02
N ALA B 98 0.37 -13.94 10.54
CA ALA B 98 0.06 -13.92 9.11
C ALA B 98 -0.18 -12.51 8.60
N GLU B 99 0.39 -12.21 7.44
CA GLU B 99 0.25 -10.89 6.83
C GLU B 99 0.12 -10.99 5.31
N TRP B 100 -0.87 -10.33 4.74
CA TRP B 100 -1.06 -10.32 3.29
C TRP B 100 -0.14 -9.30 2.64
N VAL B 101 0.75 -9.79 1.78
CA VAL B 101 1.68 -8.92 1.07
C VAL B 101 1.06 -8.41 -0.22
N PRO B 102 0.80 -7.10 -0.29
CA PRO B 102 0.22 -6.49 -1.48
C PRO B 102 1.15 -6.64 -2.68
N PRO B 103 0.58 -6.66 -3.90
CA PRO B 103 1.43 -6.69 -5.10
C PRO B 103 2.22 -5.37 -5.24
N GLY B 104 3.39 -5.43 -5.86
CA GLY B 104 4.15 -4.21 -6.10
C GLY B 104 5.39 -4.05 -5.24
N TYR B 105 5.73 -5.08 -4.47
CA TYR B 105 6.94 -5.07 -3.65
C TYR B 105 7.90 -6.15 -4.13
N GLY B 106 9.08 -6.19 -3.53
CA GLY B 106 10.06 -7.23 -3.82
C GLY B 106 9.54 -8.59 -3.37
N ALA B 107 10.14 -9.66 -3.87
CA ALA B 107 9.69 -11.01 -3.56
C ALA B 107 10.13 -11.45 -2.16
N THR B 108 11.08 -10.72 -1.59
CA THR B 108 11.67 -11.09 -0.31
C THR B 108 10.71 -10.96 0.86
N VAL B 109 10.93 -11.78 1.89
CA VAL B 109 10.21 -11.67 3.15
C VAL B 109 11.18 -11.34 4.28
N GLN B 110 12.29 -10.73 3.93
CA GLN B 110 13.35 -10.43 4.91
C GLN B 110 12.93 -9.32 5.87
N ALA B 111 12.39 -8.23 5.33
CA ALA B 111 11.94 -7.12 6.16
C ALA B 111 10.73 -7.52 6.98
N LEU B 112 10.00 -8.52 6.48
CA LEU B 112 8.85 -9.08 7.17
C LEU B 112 9.30 -9.76 8.47
N CYS B 113 10.54 -10.22 8.49
CA CYS B 113 11.04 -11.10 9.55
C CYS B 113 12.01 -10.41 10.51
N ASN B 114 12.65 -9.35 10.06
CA ASN B 114 13.68 -8.69 10.86
C ASN B 114 13.17 -7.59 11.78
N ASN B 115 11.86 -7.34 11.75
CA ASN B 115 11.31 -6.20 12.48
C ASN B 115 10.37 -6.54 13.63
N ALA B 116 10.64 -7.65 14.32
CA ALA B 116 9.89 -8.01 15.52
C ALA B 116 8.40 -8.19 15.27
N GLY B 117 8.01 -8.25 14.00
CA GLY B 117 6.65 -8.59 13.61
C GLY B 117 5.61 -7.50 13.78
N TYR B 118 6.05 -6.28 14.03
CA TYR B 118 5.11 -5.17 14.17
C TYR B 118 4.38 -4.90 12.86
N GLY B 119 3.05 -4.87 12.92
CA GLY B 119 2.24 -4.63 11.76
C GLY B 119 1.63 -5.90 11.17
N MET B 120 2.12 -7.05 11.61
CA MET B 120 1.55 -8.34 11.17
C MET B 120 0.06 -8.38 11.54
N GLU B 121 -0.78 -8.74 10.56
CA GLU B 121 -2.22 -8.67 10.72
C GLU B 121 -2.74 -9.61 11.81
N TYR B 122 -2.48 -10.90 11.65
CA TYR B 122 -3.07 -11.90 12.53
C TYR B 122 -2.03 -12.59 13.41
N TRP B 123 -2.43 -12.90 14.64
CA TRP B 123 -1.55 -13.54 15.61
C TRP B 123 -2.22 -14.71 16.30
N GLY B 124 -1.46 -15.76 16.56
CA GLY B 124 -1.91 -16.86 17.39
C GLY B 124 -1.63 -16.51 18.84
N LYS B 125 -2.14 -17.31 19.77
CA LYS B 125 -1.92 -17.07 21.19
C LYS B 125 -0.53 -17.53 21.62
N GLY B 126 0.10 -18.35 20.80
CA GLY B 126 1.46 -18.79 21.06
C GLY B 126 1.56 -20.13 21.76
N THR B 127 2.70 -20.78 21.60
CA THR B 127 2.95 -22.06 22.24
C THR B 127 4.35 -22.08 22.84
N GLN B 128 4.52 -22.78 23.97
CA GLN B 128 5.77 -22.73 24.71
C GLN B 128 6.77 -23.80 24.27
N VAL B 129 7.99 -23.36 23.96
CA VAL B 129 9.09 -24.28 23.69
C VAL B 129 10.17 -24.09 24.74
N THR B 130 10.42 -25.13 25.52
CA THR B 130 11.44 -25.06 26.56
C THR B 130 12.54 -26.10 26.33
N VAL B 131 13.77 -25.62 26.23
CA VAL B 131 14.94 -26.49 26.07
C VAL B 131 15.76 -26.47 27.36
N SER B 132 15.86 -27.62 28.01
CA SER B 132 16.52 -27.68 29.31
C SER B 132 17.04 -29.06 29.65
N SER B 133 18.02 -29.11 30.56
CA SER B 133 18.55 -30.37 31.06
C SER B 133 17.55 -31.06 31.97
N ALA B 134 16.48 -30.35 32.31
CA ALA B 134 15.44 -30.89 33.18
C ALA B 134 14.56 -31.90 32.42
N ALA B 135 14.79 -32.01 31.13
CA ALA B 135 14.02 -32.93 30.30
C ALA B 135 14.66 -34.32 30.28
#